data_6X5W
#
_entry.id   6X5W
#
_cell.length_a   51.163
_cell.length_b   58.922
_cell.length_c   63.249
_cell.angle_alpha   62.513
_cell.angle_beta   85.814
_cell.angle_gamma   65.932
#
_symmetry.space_group_name_H-M   'P 1'
#
loop_
_entity.id
_entity.type
_entity.pdbx_description
1 polymer 'Antifreeze protein'
2 polymer peptide
3 non-polymer 'CALCIUM ION'
4 non-polymer 'SODIUM ION'
5 non-polymer 'PENTAETHYLENE GLYCOL'
6 water water
#
loop_
_entity_poly.entity_id
_entity_poly.type
_entity_poly.pdbx_seq_one_letter_code
_entity_poly.pdbx_strand_id
1 'polypeptide(L)'
;EATAGTVTVNAITSDDTIDGIELGQTISISGKAVGGDISVGDVVKMTINNTEYSTTVKAGGIWMIAGVLGSDLAADSEFD
VVVTSSDAAGNKVQSIGTSTHSVDLSAEANFSLAEGQQHVLTNLPEGFGFPDGTTEVVTNFGGTITLGDDGEYRYDAPVR
DHGDAVSDKDSVTVTLEDGRTFTVNLDIQDSAPVAVDDQDSIVVQHEEFEVSEIAASWVSYTHGESVTTFDGTSDLGGVD
NDSAKDQIRWGNPAESKQSGYGFIDNDSNLEGRFDLNQDISVGTFTHYNYPVYSGGAITSAEMSVEFSVLDHLGVSTPVT
LTVNFDHNETPNTNDVNASRDIVTVQNTHVTFERDGDIYTVQIVGFREVGNPDGEVVTSIYTNENAATSYELVVRVVEGD
GYSLPSTEGNIFDDNGLGADSLGADGSVTVVGVAVGAIVSSNESVGHSIEGQYGNLVLNSDGSYVYDVTASVSDIPAGAT
ESFAYLIQDQDGSTSSANLSINVGTN
;
A
2 'polypeptide(L)' AGYTD B
#
loop_
_chem_comp.id
_chem_comp.type
_chem_comp.name
_chem_comp.formula
1PE non-polymer 'PENTAETHYLENE GLYCOL' 'C10 H22 O6'
CA non-polymer 'CALCIUM ION' 'Ca 2'
NA non-polymer 'SODIUM ION' 'Na 1'
#
# COMPACT_ATOMS: atom_id res chain seq x y z
N GLU A 1 -29.92 25.27 -84.28
CA GLU A 1 -29.57 26.25 -83.24
C GLU A 1 -28.35 25.75 -82.44
N ALA A 2 -27.78 26.65 -81.64
CA ALA A 2 -26.50 26.39 -80.99
C ALA A 2 -26.59 25.16 -80.08
N THR A 3 -25.44 24.53 -79.86
CA THR A 3 -25.33 23.32 -79.06
C THR A 3 -24.56 23.62 -77.78
N ALA A 4 -25.08 23.12 -76.67
CA ALA A 4 -24.44 23.32 -75.38
C ALA A 4 -23.17 22.48 -75.24
N GLY A 5 -22.21 23.01 -74.51
CA GLY A 5 -21.00 22.30 -74.17
C GLY A 5 -21.04 21.76 -72.76
N THR A 6 -19.91 21.21 -72.35
CA THR A 6 -19.72 20.63 -71.02
C THR A 6 -18.91 21.60 -70.17
N VAL A 7 -19.49 21.98 -69.03
CA VAL A 7 -18.85 22.78 -67.99
C VAL A 7 -18.55 21.89 -66.81
N THR A 8 -17.35 22.02 -66.23
CA THR A 8 -16.97 21.27 -65.04
C THR A 8 -16.24 22.16 -64.04
N VAL A 9 -16.41 21.86 -62.75
CA VAL A 9 -15.87 22.71 -61.69
C VAL A 9 -14.96 21.86 -60.81
N ASN A 10 -13.73 22.31 -60.63
CA ASN A 10 -12.77 21.57 -59.83
C ASN A 10 -13.15 21.62 -58.36
N ALA A 11 -12.40 20.90 -57.54
CA ALA A 11 -12.69 20.84 -56.11
C ALA A 11 -12.50 22.22 -55.49
N ILE A 12 -13.38 22.57 -54.56
CA ILE A 12 -13.33 23.88 -53.89
C ILE A 12 -12.29 23.78 -52.77
N THR A 13 -11.06 24.22 -53.06
CA THR A 13 -9.90 23.94 -52.21
C THR A 13 -9.62 22.45 -52.31
N SER A 14 -8.44 22.02 -51.84
CA SER A 14 -7.98 20.67 -52.11
C SER A 14 -8.95 19.61 -51.57
N ASP A 15 -9.48 19.82 -50.38
CA ASP A 15 -10.36 18.83 -49.77
C ASP A 15 -11.81 19.06 -50.11
N ASP A 16 -12.11 19.96 -51.05
CA ASP A 16 -13.48 20.23 -51.46
C ASP A 16 -14.33 20.64 -50.27
N THR A 17 -13.68 21.25 -49.26
CA THR A 17 -14.34 21.69 -48.03
C THR A 17 -13.83 23.08 -47.67
N ILE A 18 -14.75 23.92 -47.20
CA ILE A 18 -14.41 25.23 -46.68
C ILE A 18 -14.31 25.14 -45.17
N ASP A 19 -13.14 25.44 -44.62
CA ASP A 19 -12.94 25.33 -43.19
C ASP A 19 -12.86 26.71 -42.55
N GLY A 20 -12.57 26.72 -41.24
CA GLY A 20 -12.65 27.94 -40.47
C GLY A 20 -11.57 28.94 -40.80
N ILE A 21 -10.43 28.48 -41.29
CA ILE A 21 -9.38 29.40 -41.71
C ILE A 21 -9.71 29.97 -43.10
N GLU A 22 -10.15 29.09 -44.01
CA GLU A 22 -10.51 29.53 -45.35
C GLU A 22 -11.68 30.48 -45.32
N LEU A 23 -12.50 30.39 -44.27
CA LEU A 23 -13.66 31.28 -44.13
C LEU A 23 -13.26 32.74 -44.28
N GLY A 24 -12.08 33.10 -43.81
CA GLY A 24 -11.66 34.49 -43.78
C GLY A 24 -10.72 34.86 -44.91
N GLN A 25 -10.69 34.04 -45.95
CA GLN A 25 -9.78 34.23 -47.07
C GLN A 25 -10.55 34.35 -48.38
N THR A 26 -9.83 34.77 -49.41
CA THR A 26 -10.37 34.84 -50.75
C THR A 26 -9.93 33.58 -51.48
N ILE A 27 -10.88 32.84 -52.02
CA ILE A 27 -10.65 31.51 -52.59
C ILE A 27 -10.78 31.59 -54.12
N SER A 28 -9.73 31.18 -54.82
CA SER A 28 -9.82 31.05 -56.27
C SER A 28 -10.50 29.73 -56.59
N ILE A 29 -11.40 29.75 -57.57
CA ILE A 29 -12.03 28.51 -58.04
C ILE A 29 -11.79 28.40 -59.54
N SER A 30 -11.88 27.17 -60.06
CA SER A 30 -11.55 26.99 -61.46
C SER A 30 -12.25 25.76 -62.05
N GLY A 31 -12.15 25.64 -63.36
CA GLY A 31 -12.79 24.54 -64.04
C GLY A 31 -12.55 24.63 -65.52
N LYS A 32 -13.38 23.94 -66.30
N LYS A 32 -13.39 23.95 -66.29
CA LYS A 32 -13.23 23.91 -67.74
CA LYS A 32 -13.25 23.90 -67.74
C LYS A 32 -14.58 23.99 -68.43
C LYS A 32 -14.60 24.01 -68.43
N ALA A 33 -14.57 24.48 -69.67
CA ALA A 33 -15.79 24.65 -70.47
C ALA A 33 -15.41 24.33 -71.91
N VAL A 34 -15.89 23.21 -72.42
N VAL A 34 -15.93 23.22 -72.43
CA VAL A 34 -15.44 22.73 -73.72
CA VAL A 34 -15.45 22.65 -73.69
C VAL A 34 -16.58 22.10 -74.50
C VAL A 34 -16.60 22.06 -74.49
N GLY A 35 -16.47 22.13 -75.82
CA GLY A 35 -17.43 21.46 -76.68
C GLY A 35 -18.59 22.32 -77.12
N GLY A 36 -19.45 21.70 -77.93
CA GLY A 36 -20.54 22.44 -78.50
C GLY A 36 -20.08 23.71 -79.17
N ASP A 37 -20.84 24.78 -78.96
CA ASP A 37 -20.53 26.09 -79.50
C ASP A 37 -19.82 26.98 -78.49
N ILE A 38 -19.34 26.42 -77.39
CA ILE A 38 -18.48 27.16 -76.48
C ILE A 38 -17.20 27.57 -77.19
N SER A 39 -16.71 28.77 -76.89
CA SER A 39 -15.50 29.24 -77.55
C SER A 39 -14.73 30.13 -76.60
N VAL A 40 -13.44 30.27 -76.88
CA VAL A 40 -12.61 31.20 -76.13
C VAL A 40 -13.27 32.56 -76.10
N GLY A 41 -13.30 33.17 -74.93
CA GLY A 41 -13.92 34.45 -74.73
C GLY A 41 -15.38 34.40 -74.33
N ASP A 42 -15.99 33.22 -74.33
CA ASP A 42 -17.37 33.07 -73.89
C ASP A 42 -17.50 33.39 -72.41
N VAL A 43 -18.60 34.08 -72.07
CA VAL A 43 -18.84 34.49 -70.70
C VAL A 43 -19.12 33.27 -69.84
N VAL A 44 -18.51 33.25 -68.65
CA VAL A 44 -18.78 32.30 -67.59
C VAL A 44 -19.30 33.08 -66.40
N LYS A 45 -20.41 32.63 -65.82
CA LYS A 45 -21.01 33.30 -64.69
C LYS A 45 -21.48 32.29 -63.66
N MET A 46 -21.50 32.74 -62.41
CA MET A 46 -22.04 31.92 -61.32
C MET A 46 -22.54 32.86 -60.24
N THR A 47 -23.63 32.47 -59.58
CA THR A 47 -24.12 33.17 -58.40
C THR A 47 -23.82 32.31 -57.18
N ILE A 48 -23.01 32.84 -56.28
CA ILE A 48 -22.65 32.16 -55.05
C ILE A 48 -23.06 33.06 -53.90
N ASN A 49 -23.94 32.56 -53.03
CA ASN A 49 -24.45 33.34 -51.91
C ASN A 49 -24.99 34.68 -52.42
N ASN A 50 -25.78 34.63 -53.48
CA ASN A 50 -26.44 35.80 -54.04
C ASN A 50 -25.47 36.85 -54.56
N THR A 51 -24.19 36.54 -54.64
CA THR A 51 -23.19 37.42 -55.23
C THR A 51 -22.76 36.86 -56.58
N GLU A 52 -22.62 37.73 -57.57
CA GLU A 52 -22.33 37.31 -58.93
C GLU A 52 -20.84 37.38 -59.21
N TYR A 53 -20.28 36.27 -59.66
CA TYR A 53 -18.88 36.16 -60.09
C TYR A 53 -18.85 35.77 -61.56
N SER A 54 -17.90 36.32 -62.30
CA SER A 54 -17.85 36.04 -63.74
C SER A 54 -16.41 36.07 -64.22
N THR A 55 -16.20 35.42 -65.36
CA THR A 55 -14.93 35.45 -66.07
C THR A 55 -15.19 35.02 -67.51
N THR A 56 -14.13 34.64 -68.24
CA THR A 56 -14.27 34.18 -69.61
C THR A 56 -13.53 32.88 -69.79
N VAL A 57 -13.94 32.12 -70.81
CA VAL A 57 -13.22 30.92 -71.20
C VAL A 57 -11.88 31.30 -71.80
N LYS A 58 -10.82 30.67 -71.33
CA LYS A 58 -9.48 30.90 -71.87
C LYS A 58 -9.09 29.74 -72.78
N ALA A 59 -7.99 29.92 -73.51
CA ALA A 59 -7.45 28.87 -74.34
C ALA A 59 -7.42 27.55 -73.57
N GLY A 60 -7.69 26.45 -74.26
CA GLY A 60 -7.80 25.18 -73.60
C GLY A 60 -9.07 24.98 -72.80
N GLY A 61 -10.02 25.90 -72.90
CA GLY A 61 -11.27 25.78 -72.16
C GLY A 61 -11.15 25.96 -70.66
N ILE A 62 -10.04 26.48 -70.16
CA ILE A 62 -9.90 26.68 -68.72
C ILE A 62 -10.56 27.99 -68.33
N TRP A 63 -11.28 27.97 -67.21
CA TRP A 63 -11.84 29.18 -66.63
C TRP A 63 -11.44 29.25 -65.16
N MET A 64 -11.30 30.48 -64.67
CA MET A 64 -10.82 30.65 -63.31
C MET A 64 -11.36 31.96 -62.74
N ILE A 65 -11.91 31.87 -61.54
CA ILE A 65 -12.35 33.04 -60.78
C ILE A 65 -11.27 33.34 -59.76
N ALA A 66 -10.71 34.56 -59.89
CA ALA A 66 -9.51 34.91 -59.15
C ALA A 66 -9.74 34.82 -57.66
N GLY A 67 -10.84 35.41 -57.18
CA GLY A 67 -11.09 35.48 -55.77
C GLY A 67 -12.55 35.49 -55.36
N VAL A 68 -13.03 34.37 -54.87
CA VAL A 68 -14.36 34.27 -54.30
C VAL A 68 -14.21 34.34 -52.79
N LEU A 69 -15.08 35.07 -52.12
CA LEU A 69 -14.98 35.20 -50.69
C LEU A 69 -15.24 33.85 -50.02
N GLY A 70 -14.33 33.47 -49.11
CA GLY A 70 -14.58 32.28 -48.32
C GLY A 70 -15.92 32.30 -47.61
N SER A 71 -16.38 33.47 -47.17
CA SER A 71 -17.66 33.55 -46.48
C SER A 71 -18.83 33.28 -47.41
N ASP A 72 -18.72 33.66 -48.68
CA ASP A 72 -19.75 33.28 -49.63
C ASP A 72 -19.77 31.77 -49.86
N LEU A 73 -18.60 31.15 -50.03
CA LEU A 73 -18.55 29.71 -50.23
C LEU A 73 -19.03 28.97 -48.98
N ALA A 74 -18.83 29.56 -47.81
CA ALA A 74 -19.35 28.95 -46.59
C ALA A 74 -20.86 29.07 -46.52
N ALA A 75 -21.41 30.17 -47.04
CA ALA A 75 -22.85 30.36 -47.00
C ALA A 75 -23.59 29.59 -48.09
N ASP A 76 -22.92 29.19 -49.17
CA ASP A 76 -23.59 28.56 -50.31
C ASP A 76 -22.76 27.38 -50.80
N SER A 77 -23.23 26.18 -50.53
CA SER A 77 -22.44 24.98 -50.74
C SER A 77 -22.74 24.31 -52.08
N GLU A 78 -23.60 24.91 -52.91
CA GLU A 78 -23.81 24.34 -54.23
C GLU A 78 -24.22 25.44 -55.18
N PHE A 79 -23.62 25.42 -56.36
CA PHE A 79 -23.89 26.47 -57.32
C PHE A 79 -23.64 25.97 -58.73
N ASP A 80 -24.32 26.60 -59.67
CA ASP A 80 -24.16 26.33 -61.09
C ASP A 80 -23.14 27.29 -61.69
N VAL A 81 -22.40 26.78 -62.68
CA VAL A 81 -21.53 27.58 -63.54
C VAL A 81 -22.13 27.58 -64.94
N VAL A 82 -22.43 28.75 -65.47
CA VAL A 82 -23.17 28.87 -66.72
C VAL A 82 -22.31 29.66 -67.69
N VAL A 83 -22.03 29.05 -68.84
CA VAL A 83 -21.33 29.71 -69.93
C VAL A 83 -22.33 30.02 -71.03
N THR A 84 -22.27 31.25 -71.52
CA THR A 84 -23.14 31.71 -72.60
C THR A 84 -22.37 31.71 -73.91
N SER A 85 -22.90 31.00 -74.91
CA SER A 85 -22.22 30.79 -76.18
C SER A 85 -23.16 31.09 -77.34
N SER A 86 -22.56 31.26 -78.51
CA SER A 86 -23.28 31.58 -79.74
C SER A 86 -22.63 30.83 -80.88
N ASP A 87 -23.42 30.49 -81.89
CA ASP A 87 -22.93 29.74 -83.04
C ASP A 87 -22.82 30.67 -84.25
N ALA A 88 -22.53 30.06 -85.41
CA ALA A 88 -22.44 30.76 -86.68
C ALA A 88 -23.58 31.76 -86.84
N ALA A 89 -24.80 31.24 -87.02
CA ALA A 89 -25.98 32.08 -87.22
C ALA A 89 -26.03 33.25 -86.25
N GLY A 90 -25.43 33.08 -85.07
CA GLY A 90 -25.65 33.98 -83.97
C GLY A 90 -26.69 33.48 -82.99
N ASN A 91 -27.03 32.19 -83.04
CA ASN A 91 -27.97 31.61 -82.09
C ASN A 91 -27.25 31.34 -80.77
N LYS A 92 -27.93 31.64 -79.68
CA LYS A 92 -27.34 31.56 -78.36
C LYS A 92 -27.75 30.26 -77.67
N VAL A 93 -26.89 29.81 -76.76
CA VAL A 93 -27.17 28.68 -75.89
C VAL A 93 -26.40 28.91 -74.60
N GLN A 94 -26.85 28.26 -73.54
CA GLN A 94 -26.16 28.28 -72.26
C GLN A 94 -25.83 26.84 -71.88
N SER A 95 -24.62 26.64 -71.40
CA SER A 95 -24.15 25.35 -70.92
C SER A 95 -23.90 25.44 -69.41
N ILE A 96 -24.47 24.49 -68.66
CA ILE A 96 -24.51 24.56 -67.21
C ILE A 96 -23.73 23.39 -66.64
N GLY A 97 -22.82 23.70 -65.71
CA GLY A 97 -22.17 22.68 -64.91
C GLY A 97 -22.53 22.93 -63.46
N THR A 98 -22.29 21.95 -62.60
CA THR A 98 -22.69 22.06 -61.20
C THR A 98 -21.50 21.79 -60.28
N SER A 99 -21.49 22.48 -59.14
CA SER A 99 -20.47 22.27 -58.14
C SER A 99 -21.13 22.16 -56.77
N THR A 100 -20.67 21.18 -56.00
CA THR A 100 -21.02 21.04 -54.59
C THR A 100 -19.73 20.95 -53.78
N HIS A 101 -19.77 21.43 -52.54
CA HIS A 101 -18.63 21.29 -51.63
C HIS A 101 -19.18 21.22 -50.21
N SER A 102 -18.31 20.81 -49.29
CA SER A 102 -18.64 20.71 -47.87
C SER A 102 -18.21 21.98 -47.13
N VAL A 103 -18.84 22.21 -45.98
CA VAL A 103 -18.54 23.36 -45.15
C VAL A 103 -18.45 22.87 -43.71
N ASP A 104 -17.30 23.10 -43.08
CA ASP A 104 -17.04 22.64 -41.70
C ASP A 104 -16.12 23.69 -41.08
N LEU A 105 -16.72 24.65 -40.38
CA LEU A 105 -15.98 25.73 -39.75
C LEU A 105 -15.49 25.38 -38.35
N SER A 106 -15.41 24.09 -38.03
CA SER A 106 -15.02 23.69 -36.68
C SER A 106 -13.51 23.49 -36.64
N ALA A 107 -12.96 23.52 -35.43
CA ALA A 107 -11.57 23.19 -35.17
C ALA A 107 -11.50 22.59 -33.78
N GLU A 108 -10.59 21.63 -33.58
CA GLU A 108 -10.41 20.97 -32.30
C GLU A 108 -9.13 21.43 -31.61
N ALA A 109 -9.19 21.51 -30.29
CA ALA A 109 -8.02 21.73 -29.44
C ALA A 109 -8.01 20.65 -28.37
N ASN A 110 -6.98 19.82 -28.35
CA ASN A 110 -6.96 18.62 -27.50
C ASN A 110 -5.82 18.70 -26.50
N PHE A 111 -6.15 18.47 -25.22
CA PHE A 111 -5.21 18.66 -24.11
C PHE A 111 -5.31 17.46 -23.19
N SER A 112 -4.22 17.20 -22.46
CA SER A 112 -4.14 16.18 -21.43
C SER A 112 -3.50 16.87 -20.24
N LEU A 113 -4.29 17.16 -19.20
CA LEU A 113 -3.87 18.03 -18.10
C LEU A 113 -4.21 17.41 -16.75
N ALA A 114 -3.37 17.70 -15.76
CA ALA A 114 -3.55 17.14 -14.42
C ALA A 114 -4.73 17.74 -13.66
N GLU A 115 -5.52 16.88 -13.04
CA GLU A 115 -6.66 17.36 -12.27
C GLU A 115 -6.20 18.21 -11.11
N GLY A 116 -7.09 19.12 -10.69
CA GLY A 116 -6.89 19.93 -9.50
C GLY A 116 -5.84 20.98 -9.65
N GLN A 117 -5.46 21.33 -10.88
CA GLN A 117 -4.47 22.35 -11.14
C GLN A 117 -5.01 23.30 -12.19
N GLN A 118 -4.44 24.51 -12.20
CA GLN A 118 -4.69 25.50 -13.24
C GLN A 118 -3.65 25.33 -14.34
N HIS A 119 -4.09 25.43 -15.59
CA HIS A 119 -3.20 25.19 -16.72
C HIS A 119 -3.37 26.25 -17.80
N VAL A 120 -2.25 26.81 -18.26
CA VAL A 120 -2.29 27.64 -19.45
C VAL A 120 -2.44 26.74 -20.66
N LEU A 121 -3.39 27.07 -21.54
CA LEU A 121 -3.63 26.27 -22.73
C LEU A 121 -2.73 26.77 -23.86
N THR A 122 -1.83 25.91 -24.35
CA THR A 122 -0.87 26.28 -25.38
C THR A 122 -1.20 25.63 -26.71
N ASN A 123 -0.61 26.16 -27.79
CA ASN A 123 -0.79 25.60 -29.13
C ASN A 123 -2.26 25.50 -29.51
N LEU A 124 -3.05 26.49 -29.10
CA LEU A 124 -4.45 26.53 -29.49
C LEU A 124 -4.55 26.70 -31.01
N PRO A 125 -5.66 26.28 -31.62
CA PRO A 125 -5.76 26.35 -33.08
C PRO A 125 -5.73 27.80 -33.55
N GLU A 126 -5.27 28.00 -34.79
CA GLU A 126 -5.17 29.36 -35.28
C GLU A 126 -6.55 30.01 -35.33
N GLY A 127 -6.62 31.26 -34.89
CA GLY A 127 -7.86 32.00 -34.86
C GLY A 127 -8.71 31.77 -33.64
N PHE A 128 -8.27 30.92 -32.72
CA PHE A 128 -9.09 30.64 -31.54
C PHE A 128 -9.35 31.93 -30.75
N GLY A 129 -10.58 32.08 -30.27
CA GLY A 129 -10.93 33.25 -29.47
C GLY A 129 -12.30 33.06 -28.86
N PHE A 130 -12.59 33.90 -27.90
CA PHE A 130 -13.93 33.98 -27.35
C PHE A 130 -14.75 35.02 -28.11
N PRO A 131 -16.06 34.84 -28.24
CA PRO A 131 -16.90 35.92 -28.78
C PRO A 131 -16.85 37.17 -27.91
N ASP A 132 -16.76 38.33 -28.56
CA ASP A 132 -16.30 39.50 -27.82
C ASP A 132 -17.26 39.83 -26.67
N GLY A 133 -16.70 40.22 -25.54
CA GLY A 133 -17.46 40.33 -24.33
C GLY A 133 -17.18 39.15 -23.41
N THR A 134 -17.11 37.98 -23.99
CA THR A 134 -16.95 36.78 -23.19
C THR A 134 -15.52 36.66 -22.68
N THR A 135 -15.36 36.42 -21.39
CA THR A 135 -14.06 36.26 -20.78
C THR A 135 -13.89 34.92 -20.08
N GLU A 136 -14.96 34.14 -19.95
CA GLU A 136 -14.96 32.84 -19.31
C GLU A 136 -15.98 31.94 -19.99
N VAL A 137 -15.63 30.68 -20.22
CA VAL A 137 -16.62 29.70 -20.65
C VAL A 137 -16.56 28.53 -19.68
N VAL A 138 -17.73 27.93 -19.45
CA VAL A 138 -17.87 26.84 -18.49
C VAL A 138 -17.88 25.54 -19.27
N THR A 139 -17.08 24.58 -18.80
CA THR A 139 -16.96 23.29 -19.45
C THR A 139 -18.05 22.32 -18.98
N ASN A 140 -18.15 21.19 -19.68
N ASN A 140 -18.14 21.18 -19.68
CA ASN A 140 -19.17 20.19 -19.35
CA ASN A 140 -19.15 20.17 -19.36
C ASN A 140 -19.08 19.78 -17.88
C ASN A 140 -19.06 19.69 -17.92
N PHE A 141 -17.86 19.67 -17.35
CA PHE A 141 -17.65 19.18 -16.00
C PHE A 141 -17.72 20.28 -14.97
N GLY A 142 -18.05 21.51 -15.36
CA GLY A 142 -18.05 22.59 -14.42
C GLY A 142 -16.72 23.27 -14.27
N GLY A 143 -15.75 22.95 -15.11
CA GLY A 143 -14.52 23.70 -15.15
C GLY A 143 -14.72 25.01 -15.89
N THR A 144 -13.65 25.79 -15.91
CA THR A 144 -13.71 27.09 -16.52
C THR A 144 -12.46 27.32 -17.34
N ILE A 145 -12.65 27.89 -18.53
CA ILE A 145 -11.58 28.44 -19.33
C ILE A 145 -11.74 29.95 -19.28
N THR A 146 -10.73 30.63 -18.74
CA THR A 146 -10.77 32.07 -18.53
C THR A 146 -9.71 32.77 -19.36
N LEU A 147 -10.11 33.87 -19.97
CA LEU A 147 -9.19 34.70 -20.73
C LEU A 147 -8.63 35.77 -19.79
N GLY A 148 -7.31 35.80 -19.65
CA GLY A 148 -6.66 36.76 -18.79
C GLY A 148 -6.11 37.96 -19.55
N ASP A 149 -5.68 38.97 -18.78
CA ASP A 149 -5.19 40.21 -19.38
C ASP A 149 -3.93 40.00 -20.19
N ASP A 150 -3.23 38.88 -19.98
CA ASP A 150 -2.04 38.56 -20.75
C ASP A 150 -2.39 37.82 -22.04
N GLY A 151 -3.67 37.72 -22.35
CA GLY A 151 -4.07 37.02 -23.55
C GLY A 151 -3.97 35.51 -23.46
N GLU A 152 -3.69 34.97 -22.27
N GLU A 152 -3.70 34.96 -22.28
CA GLU A 152 -3.58 33.55 -22.05
CA GLU A 152 -3.55 33.52 -22.11
C GLU A 152 -4.93 32.99 -21.63
C GLU A 152 -4.84 32.93 -21.54
N TYR A 153 -5.23 31.76 -22.08
CA TYR A 153 -6.42 31.05 -21.65
C TYR A 153 -6.02 30.03 -20.60
N ARG A 154 -6.71 30.05 -19.45
CA ARG A 154 -6.38 29.18 -18.33
C ARG A 154 -7.57 28.30 -17.97
N TYR A 155 -7.31 27.01 -17.83
CA TYR A 155 -8.31 26.00 -17.52
C TYR A 155 -8.09 25.53 -16.10
N ASP A 156 -9.14 25.63 -15.29
CA ASP A 156 -9.14 25.07 -13.93
C ASP A 156 -9.68 23.65 -13.99
N ALA A 157 -8.79 22.67 -13.89
CA ALA A 157 -9.17 21.27 -14.13
C ALA A 157 -9.81 20.69 -12.87
N PRO A 158 -11.05 20.22 -12.92
CA PRO A 158 -11.68 19.72 -11.69
C PRO A 158 -11.07 18.38 -11.28
N VAL A 159 -11.20 18.10 -9.98
CA VAL A 159 -10.83 16.78 -9.47
C VAL A 159 -11.87 15.78 -9.94
N ARG A 160 -11.41 14.59 -10.31
CA ARG A 160 -12.29 13.58 -10.84
C ARG A 160 -12.00 12.24 -10.16
N ASP A 161 -13.04 11.41 -10.10
CA ASP A 161 -12.93 10.01 -9.69
C ASP A 161 -12.51 9.22 -10.91
N HIS A 162 -11.23 8.92 -11.01
CA HIS A 162 -10.72 8.23 -12.19
C HIS A 162 -10.92 6.72 -12.13
N GLY A 163 -11.65 6.23 -11.15
CA GLY A 163 -11.90 4.81 -11.02
C GLY A 163 -13.31 4.39 -11.35
N ASP A 164 -14.19 5.36 -11.55
CA ASP A 164 -15.59 5.06 -11.74
C ASP A 164 -15.93 4.86 -13.21
N ALA A 165 -17.23 4.82 -13.50
CA ALA A 165 -17.72 4.47 -14.83
C ALA A 165 -17.94 5.68 -15.71
N VAL A 166 -17.54 6.87 -15.28
CA VAL A 166 -17.82 8.12 -16.00
C VAL A 166 -16.53 8.65 -16.59
N SER A 167 -16.54 8.92 -17.91
CA SER A 167 -15.40 9.50 -18.59
C SER A 167 -14.95 10.78 -17.90
N ASP A 168 -13.64 11.00 -17.91
CA ASP A 168 -13.03 12.17 -17.32
C ASP A 168 -12.45 13.08 -18.39
N LYS A 169 -12.96 12.98 -19.61
CA LYS A 169 -12.55 13.87 -20.69
C LYS A 169 -13.54 15.02 -20.69
N ASP A 170 -13.10 16.19 -20.23
CA ASP A 170 -13.93 17.38 -20.22
C ASP A 170 -13.97 17.96 -21.64
N SER A 171 -14.97 18.81 -21.89
CA SER A 171 -15.06 19.45 -23.20
C SER A 171 -15.84 20.75 -23.08
N VAL A 172 -15.65 21.61 -24.08
CA VAL A 172 -16.48 22.79 -24.27
C VAL A 172 -16.34 23.22 -25.72
N THR A 173 -17.42 23.77 -26.29
CA THR A 173 -17.41 24.35 -27.62
C THR A 173 -17.67 25.85 -27.53
N VAL A 174 -16.79 26.62 -28.15
CA VAL A 174 -16.91 28.06 -28.30
C VAL A 174 -17.42 28.34 -29.70
N THR A 175 -18.45 29.16 -29.82
CA THR A 175 -19.02 29.54 -31.11
C THR A 175 -18.79 31.03 -31.39
N LEU A 176 -18.33 31.35 -32.58
CA LEU A 176 -18.08 32.75 -32.91
C LEU A 176 -19.14 33.28 -33.86
N GLU A 177 -19.18 34.62 -33.94
CA GLU A 177 -20.11 35.35 -34.81
C GLU A 177 -20.13 34.78 -36.22
N ASP A 178 -18.95 34.53 -36.78
CA ASP A 178 -18.85 34.24 -38.20
C ASP A 178 -19.17 32.79 -38.53
N GLY A 179 -19.51 31.97 -37.55
CA GLY A 179 -19.85 30.57 -37.74
C GLY A 179 -18.79 29.60 -37.28
N ARG A 180 -17.57 30.06 -37.01
CA ARG A 180 -16.56 29.15 -36.53
C ARG A 180 -16.93 28.59 -35.16
N THR A 181 -16.58 27.33 -34.92
CA THR A 181 -16.63 26.74 -33.60
C THR A 181 -15.24 26.18 -33.28
N PHE A 182 -14.91 26.19 -31.99
CA PHE A 182 -13.70 25.58 -31.48
C PHE A 182 -14.10 24.65 -30.35
N THR A 183 -13.80 23.38 -30.49
CA THR A 183 -14.10 22.40 -29.47
C THR A 183 -12.80 22.07 -28.74
N VAL A 184 -12.79 22.36 -27.45
CA VAL A 184 -11.63 22.11 -26.60
C VAL A 184 -11.94 20.86 -25.81
N ASN A 185 -11.11 19.84 -26.01
CA ASN A 185 -11.22 18.56 -25.34
C ASN A 185 -10.07 18.47 -24.36
N LEU A 186 -10.39 18.22 -23.09
CA LEU A 186 -9.41 18.30 -22.01
C LEU A 186 -9.48 16.99 -21.22
N ASP A 187 -8.57 16.08 -21.55
CA ASP A 187 -8.50 14.78 -20.88
C ASP A 187 -7.85 14.98 -19.53
N ILE A 188 -8.66 14.97 -18.46
CA ILE A 188 -8.17 15.25 -17.12
C ILE A 188 -7.39 14.02 -16.62
N GLN A 189 -6.14 14.24 -16.24
CA GLN A 189 -5.28 13.17 -15.76
C GLN A 189 -5.35 13.05 -14.24
N ASP A 190 -5.17 11.83 -13.75
CA ASP A 190 -5.30 11.55 -12.34
C ASP A 190 -4.06 11.98 -11.57
N SER A 191 -4.29 12.47 -10.36
CA SER A 191 -3.25 12.82 -9.40
C SER A 191 -3.08 11.67 -8.42
N ALA A 192 -2.00 11.72 -7.64
CA ALA A 192 -1.71 10.62 -6.72
C ALA A 192 -0.99 11.13 -5.49
N PRO A 193 -1.11 10.43 -4.36
CA PRO A 193 -0.27 10.76 -3.20
C PRO A 193 1.18 10.42 -3.47
N VAL A 194 2.05 10.95 -2.60
CA VAL A 194 3.47 10.62 -2.61
C VAL A 194 3.86 10.26 -1.19
N ALA A 195 4.06 8.97 -0.92
CA ALA A 195 4.51 8.53 0.38
C ALA A 195 5.98 8.88 0.57
N VAL A 196 6.33 9.35 1.76
CA VAL A 196 7.69 9.77 2.08
C VAL A 196 8.21 8.88 3.19
N ASP A 197 9.46 8.44 3.06
CA ASP A 197 10.06 7.57 4.05
C ASP A 197 10.04 8.17 5.45
N ASP A 198 10.07 7.30 6.44
CA ASP A 198 9.86 7.63 7.85
C ASP A 198 10.96 7.02 8.68
N GLN A 199 11.42 7.76 9.69
CA GLN A 199 12.48 7.30 10.59
C GLN A 199 11.99 7.33 12.03
N ASP A 200 12.26 6.24 12.76
CA ASP A 200 11.96 6.19 14.18
C ASP A 200 13.10 5.47 14.86
N SER A 201 13.17 5.58 16.18
CA SER A 201 14.24 4.95 16.92
C SER A 201 13.73 4.40 18.25
N ILE A 202 14.32 3.31 18.69
CA ILE A 202 14.02 2.76 20.00
C ILE A 202 15.32 2.22 20.55
N VAL A 203 15.52 2.40 21.86
CA VAL A 203 16.70 1.89 22.54
C VAL A 203 16.23 0.96 23.64
N VAL A 204 16.77 -0.25 23.67
CA VAL A 204 16.40 -1.25 24.67
C VAL A 204 17.41 -1.18 25.81
N GLN A 205 16.93 -0.93 27.02
CA GLN A 205 17.82 -0.78 28.17
C GLN A 205 18.41 -2.13 28.54
N HIS A 206 19.70 -2.12 28.85
CA HIS A 206 20.46 -3.32 29.19
C HIS A 206 21.08 -3.12 30.57
N GLU A 207 20.31 -3.42 31.61
N GLU A 207 20.31 -3.40 31.61
CA GLU A 207 20.76 -3.35 32.99
CA GLU A 207 20.78 -3.33 32.98
C GLU A 207 21.24 -4.72 33.44
C GLU A 207 21.23 -4.71 33.45
N GLU A 208 22.18 -4.72 34.39
CA GLU A 208 22.69 -5.94 34.99
C GLU A 208 22.24 -5.99 36.44
N PHE A 209 21.58 -7.09 36.82
CA PHE A 209 21.14 -7.34 38.19
C PHE A 209 22.11 -8.31 38.86
N GLU A 210 22.55 -7.99 40.07
CA GLU A 210 23.34 -8.91 40.89
C GLU A 210 22.35 -9.76 41.67
N VAL A 211 22.42 -11.09 41.51
CA VAL A 211 21.47 -11.97 42.15
C VAL A 211 22.19 -13.11 42.86
N SER A 212 21.53 -13.65 43.87
CA SER A 212 22.08 -14.76 44.63
C SER A 212 21.85 -16.06 43.88
N GLU A 213 22.18 -17.17 44.52
CA GLU A 213 21.80 -18.47 44.01
C GLU A 213 20.28 -18.61 44.02
N ILE A 214 19.79 -19.47 43.16
CA ILE A 214 18.37 -19.79 43.08
C ILE A 214 18.09 -21.01 43.95
N ALA A 215 16.94 -21.00 44.62
CA ALA A 215 16.39 -22.15 45.34
C ALA A 215 15.01 -22.45 44.79
N ALA A 216 14.84 -23.63 44.20
CA ALA A 216 13.60 -24.01 43.54
C ALA A 216 12.96 -25.13 44.33
N SER A 217 11.70 -24.94 44.70
CA SER A 217 11.00 -25.89 45.56
C SER A 217 9.64 -26.24 44.97
N TRP A 218 9.34 -27.53 44.88
CA TRP A 218 7.95 -27.92 44.64
C TRP A 218 7.14 -27.68 45.90
N VAL A 219 6.14 -26.81 45.82
CA VAL A 219 5.43 -26.36 47.00
C VAL A 219 4.01 -26.85 47.04
N SER A 220 3.41 -27.15 45.88
CA SER A 220 2.05 -27.68 45.95
C SER A 220 1.69 -28.46 44.71
N TYR A 221 0.58 -29.20 44.82
CA TYR A 221 0.10 -30.01 43.71
C TYR A 221 -1.33 -30.45 43.99
N THR A 222 -2.00 -30.84 42.91
CA THR A 222 -3.39 -31.29 42.96
C THR A 222 -3.46 -32.71 42.42
N HIS A 223 -4.12 -33.59 43.17
CA HIS A 223 -4.31 -34.98 42.82
C HIS A 223 -3.00 -35.73 42.91
N GLY A 224 -2.96 -36.95 42.40
CA GLY A 224 -1.77 -37.79 42.44
C GLY A 224 -1.80 -38.78 43.59
N GLU A 225 -1.19 -39.93 43.36
CA GLU A 225 -1.03 -40.97 44.37
C GLU A 225 0.45 -41.17 44.59
N SER A 226 0.82 -41.44 45.83
CA SER A 226 2.22 -41.69 46.19
C SER A 226 3.12 -40.54 45.74
N VAL A 227 2.67 -39.31 45.96
CA VAL A 227 3.43 -38.15 45.52
C VAL A 227 4.54 -37.89 46.53
N THR A 228 5.75 -37.67 46.01
CA THR A 228 6.89 -37.33 46.85
C THR A 228 7.61 -36.14 46.23
N THR A 229 8.12 -35.25 47.08
CA THR A 229 8.98 -34.15 46.65
C THR A 229 10.27 -34.27 47.43
N PHE A 230 11.38 -33.94 46.78
CA PHE A 230 12.68 -34.17 47.39
C PHE A 230 13.77 -33.42 46.65
N ASP A 231 14.86 -33.16 47.38
CA ASP A 231 16.11 -32.70 46.80
C ASP A 231 16.71 -33.78 45.90
N GLY A 232 17.18 -33.35 44.73
CA GLY A 232 17.62 -34.30 43.72
C GLY A 232 18.80 -35.13 44.18
N THR A 233 18.82 -36.37 43.69
CA THR A 233 19.91 -37.32 43.92
C THR A 233 20.47 -37.76 42.59
N SER A 234 21.65 -38.40 42.63
CA SER A 234 22.25 -38.88 41.39
C SER A 234 21.30 -39.81 40.65
N ASP A 235 20.52 -40.60 41.37
CA ASP A 235 19.68 -41.59 40.72
C ASP A 235 18.35 -41.00 40.29
N LEU A 236 17.87 -40.00 41.01
CA LEU A 236 16.58 -39.38 40.74
C LEU A 236 16.80 -37.89 40.56
N GLY A 237 17.10 -37.50 39.32
CA GLY A 237 17.02 -36.13 38.88
C GLY A 237 18.35 -35.41 38.77
N GLY A 238 19.40 -35.92 39.40
CA GLY A 238 20.67 -35.22 39.44
C GLY A 238 20.74 -34.25 40.61
N VAL A 239 21.97 -33.87 40.95
CA VAL A 239 22.21 -33.09 42.16
C VAL A 239 22.27 -31.60 41.83
N ASP A 240 22.02 -30.80 42.86
CA ASP A 240 22.15 -29.35 42.81
C ASP A 240 22.70 -28.88 44.16
N ASN A 241 22.97 -27.57 44.24
CA ASN A 241 23.80 -27.00 45.30
C ASN A 241 22.99 -26.55 46.51
N ASP A 242 21.75 -27.00 46.66
CA ASP A 242 20.92 -26.56 47.77
C ASP A 242 20.10 -27.74 48.27
N SER A 243 19.37 -27.52 49.37
N SER A 243 19.38 -27.52 49.38
CA SER A 243 18.53 -28.56 49.95
CA SER A 243 18.54 -28.55 49.96
C SER A 243 17.07 -28.40 49.58
C SER A 243 17.07 -28.42 49.56
N ALA A 244 16.70 -27.37 48.83
CA ALA A 244 15.33 -27.21 48.38
C ALA A 244 14.92 -28.41 47.52
N LYS A 245 13.62 -28.68 47.47
CA LYS A 245 13.09 -29.90 46.87
C LYS A 245 12.78 -29.64 45.40
N ASP A 246 13.72 -29.98 44.53
CA ASP A 246 13.61 -29.71 43.10
C ASP A 246 12.99 -30.87 42.33
N GLN A 247 12.74 -31.99 43.00
CA GLN A 247 12.16 -33.17 42.37
C GLN A 247 10.77 -33.43 42.90
N ILE A 248 9.89 -33.89 42.01
CA ILE A 248 8.56 -34.33 42.37
C ILE A 248 8.27 -35.59 41.56
N ARG A 249 7.70 -36.59 42.21
CA ARG A 249 7.32 -37.82 41.54
C ARG A 249 5.93 -38.25 41.98
N TRP A 250 5.27 -39.03 41.13
CA TRP A 250 3.94 -39.51 41.44
C TRP A 250 3.63 -40.78 40.67
N GLY A 251 2.54 -41.43 41.08
CA GLY A 251 1.98 -42.57 40.40
C GLY A 251 2.35 -43.88 41.07
N ASN A 252 1.49 -44.88 40.85
CA ASN A 252 1.80 -46.26 41.17
C ASN A 252 2.50 -46.87 39.96
N PRO A 253 3.79 -47.19 40.02
CA PRO A 253 4.49 -47.63 38.81
C PRO A 253 3.85 -48.88 38.22
N ALA A 254 3.48 -48.81 36.94
CA ALA A 254 2.93 -49.95 36.23
C ALA A 254 3.98 -50.72 35.43
N GLU A 255 5.23 -50.26 35.44
CA GLU A 255 6.30 -50.89 34.68
C GLU A 255 7.60 -50.85 35.47
N SER A 256 7.98 -49.67 35.95
CA SER A 256 9.25 -49.54 36.66
C SER A 256 9.23 -48.46 37.73
N LYS A 257 9.34 -47.20 37.31
N LYS A 257 9.32 -47.20 37.31
CA LYS A 257 9.52 -46.07 38.21
CA LYS A 257 9.48 -46.10 38.24
C LYS A 257 8.34 -45.10 38.10
C LYS A 257 8.33 -45.11 38.10
N GLN A 258 8.40 -44.05 38.90
CA GLN A 258 7.34 -43.06 38.98
C GLN A 258 7.54 -41.95 37.96
N SER A 259 6.45 -41.36 37.50
CA SER A 259 6.56 -40.20 36.63
C SER A 259 6.84 -38.98 37.47
N GLY A 260 7.29 -37.90 36.84
CA GLY A 260 7.41 -36.66 37.59
C GLY A 260 8.23 -35.61 36.87
N TYR A 261 8.63 -34.61 37.64
CA TYR A 261 9.38 -33.48 37.14
C TYR A 261 10.64 -33.26 37.96
N GLY A 262 11.67 -32.74 37.33
CA GLY A 262 12.84 -32.27 38.06
C GLY A 262 13.29 -30.94 37.51
N PHE A 263 13.89 -30.13 38.38
CA PHE A 263 14.34 -28.81 37.95
C PHE A 263 15.70 -28.52 38.54
N ILE A 264 16.73 -28.51 37.70
CA ILE A 264 18.09 -28.26 38.13
C ILE A 264 18.43 -26.81 37.82
N ASP A 265 18.67 -26.01 38.86
CA ASP A 265 18.85 -24.59 38.64
C ASP A 265 20.07 -24.29 37.77
N ASN A 266 20.12 -23.06 37.27
CA ASN A 266 21.20 -22.61 36.41
C ASN A 266 22.21 -21.74 37.15
N ASP A 267 22.40 -21.99 38.45
CA ASP A 267 23.25 -21.14 39.27
C ASP A 267 24.66 -21.01 38.70
N SER A 268 25.22 -22.13 38.23
CA SER A 268 26.58 -22.11 37.75
C SER A 268 26.72 -21.22 36.51
N ASN A 269 25.82 -21.38 35.54
CA ASN A 269 25.93 -20.64 34.29
C ASN A 269 25.56 -19.17 34.47
N LEU A 270 24.64 -18.87 35.38
CA LEU A 270 24.22 -17.48 35.55
C LEU A 270 25.32 -16.64 36.19
N GLU A 271 26.18 -17.25 37.00
CA GLU A 271 27.24 -16.52 37.69
C GLU A 271 26.69 -15.28 38.39
N GLY A 272 25.55 -15.45 39.06
CA GLY A 272 25.04 -14.42 39.94
C GLY A 272 24.59 -13.15 39.25
N ARG A 273 24.17 -13.23 38.00
CA ARG A 273 23.77 -12.04 37.26
C ARG A 273 22.55 -12.34 36.39
N PHE A 274 21.55 -11.48 36.49
CA PHE A 274 20.46 -11.39 35.53
C PHE A 274 20.70 -10.20 34.60
N ASP A 275 20.09 -10.25 33.42
CA ASP A 275 20.16 -9.16 32.46
C ASP A 275 18.75 -8.70 32.12
N LEU A 276 18.57 -7.39 32.00
CA LEU A 276 17.26 -6.86 31.66
C LEU A 276 16.97 -7.08 30.18
N ASN A 277 15.68 -7.29 29.87
CA ASN A 277 15.23 -7.45 28.49
C ASN A 277 16.01 -8.53 27.76
N GLN A 278 16.24 -9.64 28.45
CA GLN A 278 17.00 -10.77 27.96
C GLN A 278 16.33 -12.06 28.40
N ASP A 279 16.04 -12.94 27.43
CA ASP A 279 15.56 -14.28 27.78
C ASP A 279 16.65 -15.01 28.54
N ILE A 280 16.32 -15.48 29.73
CA ILE A 280 17.29 -16.08 30.63
C ILE A 280 16.81 -17.47 30.99
N SER A 281 17.73 -18.42 31.05
CA SER A 281 17.40 -19.73 31.59
C SER A 281 17.64 -19.73 33.10
N VAL A 282 16.59 -19.98 33.88
CA VAL A 282 16.82 -20.13 35.31
C VAL A 282 17.15 -21.57 35.68
N GLY A 283 17.02 -22.51 34.75
CA GLY A 283 17.35 -23.90 35.05
C GLY A 283 16.77 -24.83 34.00
N THR A 284 17.05 -26.12 34.20
CA THR A 284 16.67 -27.18 33.28
C THR A 284 15.56 -28.02 33.89
N PHE A 285 14.39 -27.99 33.23
CA PHE A 285 13.21 -28.73 33.60
C PHE A 285 13.20 -30.04 32.82
N THR A 286 13.12 -31.15 33.53
CA THR A 286 13.04 -32.47 32.93
C THR A 286 11.70 -33.08 33.30
N HIS A 287 10.98 -33.55 32.29
CA HIS A 287 9.75 -34.33 32.46
C HIS A 287 10.09 -35.81 32.28
N TYR A 288 9.90 -36.58 33.36
CA TYR A 288 10.15 -38.03 33.37
C TYR A 288 8.81 -38.72 33.19
N ASN A 289 8.58 -39.34 32.04
CA ASN A 289 7.30 -39.96 31.74
C ASN A 289 7.48 -41.47 31.76
N TYR A 290 6.92 -42.10 32.80
CA TYR A 290 6.78 -43.54 32.94
C TYR A 290 5.31 -43.96 32.83
N PRO A 291 5.04 -45.24 32.58
CA PRO A 291 3.65 -45.71 32.65
C PRO A 291 3.27 -45.93 34.11
N VAL A 292 2.17 -45.29 34.53
CA VAL A 292 1.64 -45.46 35.88
C VAL A 292 0.18 -45.89 35.78
N TYR A 293 -0.29 -46.59 36.82
CA TYR A 293 -1.66 -47.08 36.78
C TYR A 293 -2.63 -45.91 36.70
N SER A 294 -3.71 -46.09 35.95
CA SER A 294 -4.56 -44.98 35.58
C SER A 294 -5.10 -44.27 36.80
N GLY A 295 -5.12 -42.94 36.73
CA GLY A 295 -5.66 -42.11 37.77
C GLY A 295 -4.65 -41.60 38.78
N GLY A 296 -3.44 -42.15 38.81
CA GLY A 296 -2.51 -41.87 39.88
C GLY A 296 -1.64 -40.65 39.72
N ALA A 297 -1.83 -39.85 38.67
CA ALA A 297 -0.96 -38.72 38.40
C ALA A 297 -1.55 -37.41 38.90
N ILE A 298 -0.65 -36.46 39.21
CA ILE A 298 -1.10 -35.11 39.48
C ILE A 298 -1.76 -34.55 38.24
N THR A 299 -2.55 -33.49 38.43
CA THR A 299 -3.04 -32.67 37.34
C THR A 299 -2.47 -31.27 37.34
N SER A 300 -1.82 -30.83 38.42
CA SER A 300 -1.13 -29.56 38.44
C SER A 300 -0.14 -29.59 39.59
N ALA A 301 0.93 -28.79 39.44
CA ALA A 301 1.93 -28.64 40.50
C ALA A 301 2.51 -27.24 40.40
N GLU A 302 2.94 -26.71 41.54
CA GLU A 302 3.47 -25.36 41.64
C GLU A 302 4.83 -25.41 42.30
N MET A 303 5.77 -24.67 41.72
CA MET A 303 7.16 -24.59 42.14
C MET A 303 7.50 -23.14 42.44
N SER A 304 8.18 -22.90 43.55
N SER A 304 8.17 -22.90 43.56
CA SER A 304 8.64 -21.55 43.88
CA SER A 304 8.66 -21.58 43.90
C SER A 304 10.10 -21.43 43.48
C SER A 304 10.10 -21.46 43.43
N VAL A 305 10.43 -20.35 42.76
CA VAL A 305 11.80 -20.06 42.35
C VAL A 305 12.20 -18.82 43.13
N GLU A 306 13.07 -19.00 44.12
CA GLU A 306 13.41 -17.95 45.07
C GLU A 306 14.85 -17.52 44.88
N PHE A 307 15.07 -16.20 44.90
CA PHE A 307 16.41 -15.65 44.77
C PHE A 307 16.36 -14.25 45.34
N SER A 308 17.54 -13.69 45.63
CA SER A 308 17.67 -12.30 46.06
C SER A 308 18.29 -11.45 44.96
N VAL A 309 17.95 -10.16 45.00
CA VAL A 309 18.44 -9.17 44.06
C VAL A 309 19.15 -8.08 44.86
N LEU A 310 20.37 -7.75 44.46
CA LEU A 310 21.11 -6.66 45.07
C LEU A 310 20.86 -5.36 44.32
N ASP A 311 20.87 -4.26 45.06
CA ASP A 311 20.72 -2.95 44.47
C ASP A 311 22.09 -2.27 44.37
N HIS A 312 22.10 -0.99 43.98
CA HIS A 312 23.34 -0.26 43.78
C HIS A 312 23.98 0.20 45.07
N LEU A 313 23.45 -0.19 46.22
CA LEU A 313 24.03 0.14 47.51
C LEU A 313 24.07 -1.07 48.42
N GLY A 314 24.23 -2.26 47.84
CA GLY A 314 24.54 -3.47 48.58
C GLY A 314 23.42 -4.03 49.43
N VAL A 315 22.16 -3.71 49.11
CA VAL A 315 21.03 -4.18 49.90
C VAL A 315 20.30 -5.26 49.11
N SER A 316 20.05 -6.39 49.77
CA SER A 316 19.42 -7.54 49.14
C SER A 316 17.91 -7.50 49.31
N THR A 317 17.20 -8.01 48.30
CA THR A 317 15.75 -8.09 48.32
C THR A 317 15.34 -9.52 47.92
N PRO A 318 14.48 -10.19 48.68
CA PRO A 318 14.07 -11.55 48.30
C PRO A 318 12.91 -11.49 47.31
N VAL A 319 12.95 -12.39 46.34
CA VAL A 319 11.98 -12.46 45.25
C VAL A 319 11.59 -13.92 45.09
N THR A 320 10.29 -14.16 44.91
CA THR A 320 9.80 -15.52 44.68
C THR A 320 8.90 -15.49 43.45
N LEU A 321 9.31 -16.18 42.41
CA LEU A 321 8.49 -16.38 41.23
C LEU A 321 7.75 -17.71 41.42
N THR A 322 6.43 -17.66 41.36
CA THR A 322 5.64 -18.89 41.43
C THR A 322 5.40 -19.41 40.02
N VAL A 323 5.75 -20.66 39.78
CA VAL A 323 5.64 -21.27 38.47
C VAL A 323 4.60 -22.38 38.56
N ASN A 324 3.59 -22.32 37.69
N ASN A 324 3.61 -22.31 37.68
CA ASN A 324 2.48 -23.27 37.77
CA ASN A 324 2.49 -23.25 37.72
C ASN A 324 2.46 -24.13 36.51
C ASN A 324 2.55 -24.14 36.49
N PHE A 325 2.38 -25.44 36.70
CA PHE A 325 2.36 -26.41 35.62
C PHE A 325 1.06 -27.17 35.66
N ASP A 326 0.42 -27.31 34.50
CA ASP A 326 -0.71 -28.20 34.31
C ASP A 326 -0.21 -29.51 33.70
N HIS A 327 -0.56 -30.62 34.32
CA HIS A 327 -0.06 -31.91 33.90
C HIS A 327 -1.19 -32.80 33.38
N ASN A 328 -0.91 -33.47 32.26
CA ASN A 328 -1.82 -34.43 31.65
C ASN A 328 -1.07 -35.73 31.41
N GLU A 329 -1.21 -36.66 32.36
CA GLU A 329 -0.78 -38.05 32.23
C GLU A 329 -1.88 -38.78 31.46
N THR A 330 -1.74 -38.79 30.14
CA THR A 330 -2.79 -39.24 29.26
C THR A 330 -2.98 -40.75 29.32
N PRO A 331 -4.22 -41.23 29.12
CA PRO A 331 -4.42 -42.68 28.99
C PRO A 331 -3.56 -43.23 27.87
N ASN A 332 -2.87 -44.34 28.15
CA ASN A 332 -1.99 -44.95 27.18
C ASN A 332 -2.78 -45.88 26.25
N THR A 333 -2.55 -45.72 24.94
CA THR A 333 -3.20 -46.55 23.93
C THR A 333 -2.13 -47.22 23.08
N ASN A 334 -2.51 -47.72 21.89
CA ASN A 334 -1.55 -48.29 20.96
C ASN A 334 -1.01 -47.25 19.99
N ASP A 335 -1.21 -45.97 20.29
CA ASP A 335 -0.71 -44.86 19.49
C ASP A 335 0.30 -44.11 20.35
N VAL A 336 1.57 -44.14 19.95
CA VAL A 336 2.61 -43.52 20.76
C VAL A 336 2.36 -42.02 20.91
N ASN A 337 1.97 -41.36 19.83
CA ASN A 337 1.76 -39.91 19.91
C ASN A 337 0.59 -39.59 20.82
N ALA A 338 -0.50 -40.35 20.73
CA ALA A 338 -1.66 -40.11 21.58
C ALA A 338 -1.34 -40.37 23.04
N SER A 339 -0.36 -41.21 23.32
CA SER A 339 -0.05 -41.64 24.67
C SER A 339 0.95 -40.73 25.36
N ARG A 340 1.56 -39.79 24.62
CA ARG A 340 2.48 -38.85 25.24
C ARG A 340 1.78 -38.11 26.38
N ASP A 341 2.55 -37.80 27.42
CA ASP A 341 2.08 -36.94 28.50
C ASP A 341 2.48 -35.49 28.21
N ILE A 342 1.63 -34.56 28.65
CA ILE A 342 1.70 -33.17 28.23
C ILE A 342 1.85 -32.28 29.45
N VAL A 343 2.85 -31.40 29.41
CA VAL A 343 3.06 -30.42 30.47
C VAL A 343 2.89 -29.02 29.88
N THR A 344 2.09 -28.20 30.54
CA THR A 344 1.83 -26.83 30.10
C THR A 344 2.24 -25.89 31.23
N VAL A 345 3.12 -24.96 30.94
CA VAL A 345 3.53 -23.97 31.92
C VAL A 345 2.73 -22.68 31.74
N GLN A 346 2.32 -22.11 32.87
CA GLN A 346 1.58 -20.86 32.84
C GLN A 346 2.52 -19.67 32.70
N ASN A 347 2.01 -18.57 32.12
CA ASN A 347 2.83 -17.38 31.94
C ASN A 347 2.69 -16.43 33.14
N THR A 348 3.18 -16.89 34.28
CA THR A 348 3.10 -16.14 35.52
C THR A 348 4.26 -15.16 35.65
N HIS A 349 4.13 -14.26 36.63
CA HIS A 349 5.12 -13.23 36.83
C HIS A 349 5.19 -12.84 38.30
N VAL A 350 6.27 -12.15 38.65
CA VAL A 350 6.42 -11.50 39.95
C VAL A 350 7.10 -10.16 39.73
N THR A 351 6.59 -9.14 40.41
CA THR A 351 7.12 -7.78 40.33
C THR A 351 7.87 -7.45 41.62
N PHE A 352 9.01 -6.77 41.47
CA PHE A 352 9.83 -6.38 42.61
C PHE A 352 10.38 -4.97 42.38
N GLU A 353 10.97 -4.42 43.43
CA GLU A 353 11.52 -3.07 43.43
C GLU A 353 13.00 -3.13 43.75
N ARG A 354 13.78 -2.28 43.06
CA ARG A 354 15.22 -2.17 43.29
C ARG A 354 15.63 -0.74 43.01
N ASP A 355 16.19 -0.08 44.03
CA ASP A 355 16.62 1.32 43.92
C ASP A 355 15.47 2.24 43.51
N GLY A 356 14.24 1.88 43.88
CA GLY A 356 13.08 2.66 43.50
C GLY A 356 12.53 2.36 42.13
N ASP A 357 13.19 1.52 41.34
CA ASP A 357 12.72 1.14 40.02
C ASP A 357 11.98 -0.18 40.13
N ILE A 358 10.88 -0.30 39.39
CA ILE A 358 10.04 -1.49 39.43
C ILE A 358 10.36 -2.37 38.23
N TYR A 359 10.48 -3.67 38.48
CA TYR A 359 10.80 -4.64 37.44
C TYR A 359 9.88 -5.84 37.60
N THR A 360 9.66 -6.55 36.51
CA THR A 360 8.84 -7.76 36.52
C THR A 360 9.62 -8.91 35.92
N VAL A 361 9.64 -10.04 36.63
CA VAL A 361 10.17 -11.29 36.11
C VAL A 361 9.00 -12.11 35.62
N GLN A 362 9.03 -12.52 34.35
CA GLN A 362 7.89 -13.21 33.77
C GLN A 362 8.32 -14.50 33.09
N ILE A 363 7.51 -15.55 33.27
CA ILE A 363 7.77 -16.82 32.62
C ILE A 363 7.58 -16.66 31.12
N VAL A 364 8.58 -17.06 30.34
CA VAL A 364 8.43 -17.07 28.89
C VAL A 364 7.98 -18.47 28.49
N GLY A 365 8.78 -19.47 28.84
CA GLY A 365 8.30 -20.83 28.58
C GLY A 365 9.46 -21.80 28.52
N PHE A 366 9.26 -22.87 27.77
CA PHE A 366 10.28 -23.92 27.62
C PHE A 366 11.09 -23.70 26.35
N ARG A 367 12.39 -23.95 26.41
CA ARG A 367 13.26 -23.85 25.24
C ARG A 367 14.20 -25.04 25.16
N GLU A 368 14.51 -25.50 23.95
CA GLU A 368 15.33 -26.70 23.81
C GLU A 368 16.73 -26.44 24.34
N VAL A 369 17.28 -27.44 25.04
CA VAL A 369 18.53 -27.27 25.76
C VAL A 369 19.66 -26.94 24.79
N GLY A 370 20.50 -25.99 25.19
CA GLY A 370 21.68 -25.62 24.43
C GLY A 370 21.42 -24.72 23.25
N ASN A 371 20.18 -24.40 22.94
CA ASN A 371 19.85 -23.58 21.78
C ASN A 371 19.27 -22.25 22.24
N PRO A 372 20.10 -21.22 22.46
CA PRO A 372 19.56 -19.93 22.89
C PRO A 372 18.62 -19.29 21.88
N ASP A 373 18.73 -19.67 20.60
CA ASP A 373 17.88 -19.10 19.56
C ASP A 373 16.68 -19.97 19.24
N GLY A 374 16.45 -21.02 20.03
CA GLY A 374 15.34 -21.91 19.74
C GLY A 374 14.00 -21.27 20.03
N GLU A 375 12.95 -21.85 19.45
CA GLU A 375 11.60 -21.40 19.74
C GLU A 375 11.23 -21.70 21.19
N VAL A 376 10.46 -20.81 21.80
CA VAL A 376 10.01 -21.00 23.18
C VAL A 376 8.55 -21.40 23.13
N VAL A 377 8.21 -22.51 23.76
CA VAL A 377 6.86 -23.03 23.75
C VAL A 377 6.36 -23.13 25.18
N THR A 378 5.05 -23.27 25.34
CA THR A 378 4.49 -23.39 26.67
C THR A 378 3.93 -24.76 26.97
N SER A 379 3.84 -25.65 25.98
CA SER A 379 3.44 -27.04 26.16
C SER A 379 4.51 -27.94 25.57
N ILE A 380 4.81 -29.01 26.28
CA ILE A 380 5.81 -30.00 25.84
C ILE A 380 5.19 -31.37 25.98
N TYR A 381 5.65 -32.29 25.13
CA TYR A 381 5.05 -33.60 24.92
C TYR A 381 6.14 -34.63 25.08
N THR A 382 5.90 -35.65 25.90
CA THR A 382 6.91 -36.65 26.21
C THR A 382 6.33 -38.04 26.06
N ASN A 383 7.01 -38.88 25.27
CA ASN A 383 6.61 -40.27 25.10
C ASN A 383 6.62 -40.99 26.44
N GLU A 384 5.78 -42.02 26.56
CA GLU A 384 5.93 -42.95 27.68
C GLU A 384 7.32 -43.54 27.62
N ASN A 385 7.89 -43.81 28.79
CA ASN A 385 9.21 -44.42 28.90
C ASN A 385 10.27 -43.53 28.29
N ALA A 386 10.11 -42.22 28.49
CA ALA A 386 11.16 -41.29 28.09
C ALA A 386 11.14 -40.08 29.00
N ALA A 387 12.24 -39.33 28.96
CA ALA A 387 12.31 -38.05 29.64
C ALA A 387 12.79 -37.00 28.66
N THR A 388 12.15 -35.83 28.71
CA THR A 388 12.56 -34.70 27.87
C THR A 388 13.01 -33.55 28.76
N SER A 389 13.94 -32.74 28.26
CA SER A 389 14.53 -31.66 29.05
C SER A 389 14.47 -30.36 28.26
N TYR A 390 14.20 -29.28 28.98
CA TYR A 390 14.02 -27.96 28.39
C TYR A 390 14.50 -26.92 29.37
N GLU A 391 15.11 -25.86 28.84
N GLU A 391 15.12 -25.86 28.84
N GLU A 391 15.13 -25.87 28.84
CA GLU A 391 15.44 -24.72 29.69
CA GLU A 391 15.42 -24.71 29.66
CA GLU A 391 15.41 -24.70 29.66
C GLU A 391 14.16 -23.93 30.01
C GLU A 391 14.11 -23.99 30.03
C GLU A 391 14.10 -24.02 30.03
N LEU A 392 14.00 -23.58 31.28
CA LEU A 392 12.86 -22.79 31.74
C LEU A 392 13.28 -21.34 31.63
N VAL A 393 12.67 -20.60 30.69
CA VAL A 393 13.12 -19.27 30.29
C VAL A 393 12.20 -18.22 30.92
N VAL A 394 12.82 -17.20 31.53
CA VAL A 394 12.14 -16.02 32.02
C VAL A 394 12.75 -14.80 31.34
N ARG A 395 12.07 -13.66 31.46
CA ARG A 395 12.61 -12.37 31.06
C ARG A 395 12.25 -11.36 32.13
N VAL A 396 13.20 -10.49 32.46
CA VAL A 396 12.98 -9.39 33.38
C VAL A 396 12.74 -8.13 32.56
N VAL A 397 11.62 -7.45 32.82
CA VAL A 397 11.18 -6.32 32.04
C VAL A 397 10.97 -5.12 32.97
N GLU A 398 11.01 -3.93 32.38
CA GLU A 398 10.76 -2.73 33.15
C GLU A 398 9.26 -2.61 33.42
N GLY A 399 8.92 -2.24 34.66
CA GLY A 399 7.55 -1.92 34.98
C GLY A 399 6.72 -3.10 35.46
N ASP A 400 5.41 -3.03 35.24
CA ASP A 400 4.47 -4.03 35.74
C ASP A 400 4.24 -5.16 34.75
N GLY A 401 4.97 -5.19 33.64
CA GLY A 401 4.86 -6.26 32.69
C GLY A 401 3.73 -6.13 31.69
N TYR A 402 3.08 -4.96 31.61
CA TYR A 402 1.99 -4.78 30.66
C TYR A 402 2.51 -4.80 29.23
N SER A 403 3.76 -4.38 29.02
CA SER A 403 4.26 -4.24 27.66
C SER A 403 5.78 -4.38 27.61
N LEU A 404 6.26 -4.58 26.38
CA LEU A 404 7.65 -4.57 25.99
C LEU A 404 8.07 -3.17 25.57
N PRO A 405 9.37 -2.92 25.45
CA PRO A 405 9.82 -1.61 24.98
C PRO A 405 9.16 -1.29 23.65
N SER A 406 8.75 -0.04 23.47
CA SER A 406 8.03 0.27 22.26
C SER A 406 8.16 1.74 21.87
N THR A 407 7.77 2.00 20.63
CA THR A 407 7.80 3.35 20.10
C THR A 407 6.58 3.51 19.21
N GLU A 408 6.10 4.75 19.13
CA GLU A 408 4.87 5.07 18.43
C GLU A 408 5.11 6.13 17.37
N GLY A 409 4.20 6.22 16.42
CA GLY A 409 4.31 7.28 15.44
C GLY A 409 3.13 7.32 14.51
N ASN A 410 3.24 8.17 13.48
CA ASN A 410 2.25 8.19 12.42
C ASN A 410 2.98 8.42 11.10
N ILE A 411 2.75 7.53 10.14
CA ILE A 411 3.59 7.63 8.94
C ILE A 411 3.20 8.80 8.04
N PHE A 412 2.11 9.51 8.34
CA PHE A 412 1.74 10.71 7.60
C PHE A 412 2.42 11.96 8.11
N ASP A 413 3.00 11.89 9.31
CA ASP A 413 3.72 13.02 9.85
C ASP A 413 5.07 13.16 9.16
N ASP A 414 5.70 14.32 9.33
CA ASP A 414 7.10 14.49 8.94
C ASP A 414 7.97 13.72 9.93
N ASN A 415 8.57 12.63 9.47
CA ASN A 415 9.39 11.77 10.31
C ASN A 415 10.83 11.76 9.81
N GLY A 416 11.33 12.93 9.44
CA GLY A 416 12.73 13.12 9.06
C GLY A 416 12.89 13.63 7.66
N LEU A 417 12.00 13.25 6.75
CA LEU A 417 12.12 13.63 5.35
C LEU A 417 10.86 14.30 4.82
N GLY A 418 9.97 14.74 5.69
CA GLY A 418 8.77 15.43 5.28
C GLY A 418 7.55 14.54 5.36
N ALA A 419 6.38 15.17 5.38
CA ALA A 419 5.11 14.48 5.44
C ALA A 419 4.66 13.98 4.07
N ASP A 420 3.98 12.83 4.07
CA ASP A 420 3.40 12.28 2.85
C ASP A 420 2.50 13.32 2.18
N SER A 421 2.63 13.43 0.85
CA SER A 421 1.74 14.25 0.02
C SER A 421 0.48 13.45 -0.28
N LEU A 422 -0.67 14.11 -0.25
CA LEU A 422 -1.95 13.41 -0.32
C LEU A 422 -2.60 13.45 -1.70
N GLY A 423 -2.16 14.33 -2.58
CA GLY A 423 -2.75 14.44 -3.90
C GLY A 423 -4.07 15.17 -3.83
N ALA A 424 -4.69 15.32 -4.99
CA ALA A 424 -5.93 16.10 -5.11
C ALA A 424 -7.17 15.27 -4.82
N ASP A 425 -7.10 13.94 -4.88
CA ASP A 425 -8.28 13.11 -4.66
C ASP A 425 -8.62 13.00 -3.18
N GLY A 426 -7.62 12.98 -2.31
CA GLY A 426 -7.92 12.81 -0.90
C GLY A 426 -8.37 11.38 -0.61
N SER A 427 -8.97 11.22 0.58
CA SER A 427 -9.39 9.92 1.12
C SER A 427 -8.22 8.93 1.11
N VAL A 428 -7.08 9.38 1.57
CA VAL A 428 -5.88 8.57 1.57
C VAL A 428 -5.83 7.77 2.87
N THR A 429 -5.64 6.47 2.74
CA THR A 429 -5.46 5.58 3.88
C THR A 429 -4.30 4.65 3.57
N VAL A 430 -3.76 4.05 4.63
CA VAL A 430 -2.81 2.95 4.52
C VAL A 430 -3.59 1.69 4.19
N VAL A 431 -3.25 1.05 3.08
CA VAL A 431 -3.93 -0.16 2.63
C VAL A 431 -3.01 -1.36 2.62
N GLY A 432 -1.72 -1.17 2.87
CA GLY A 432 -0.86 -2.33 2.97
C GLY A 432 0.32 -2.05 3.87
N VAL A 433 0.81 -3.10 4.53
CA VAL A 433 2.06 -3.00 5.27
C VAL A 433 2.73 -4.37 5.31
N ALA A 434 4.06 -4.38 5.20
CA ALA A 434 4.79 -5.63 5.20
C ALA A 434 6.20 -5.40 5.70
N VAL A 435 6.77 -6.41 6.36
CA VAL A 435 8.17 -6.33 6.68
C VAL A 435 8.96 -6.46 5.40
N GLY A 436 10.05 -5.71 5.28
CA GLY A 436 10.87 -5.76 4.08
C GLY A 436 10.64 -4.53 3.22
N ALA A 437 11.02 -4.65 1.94
CA ALA A 437 10.98 -3.53 1.02
C ALA A 437 9.85 -3.61 0.00
N ILE A 438 9.05 -4.68 0.02
CA ILE A 438 8.00 -4.93 -0.96
C ILE A 438 6.67 -4.93 -0.24
N VAL A 439 5.69 -4.20 -0.77
CA VAL A 439 4.36 -4.18 -0.18
C VAL A 439 3.31 -3.98 -1.28
N SER A 440 2.20 -4.69 -1.13
CA SER A 440 1.00 -4.45 -1.92
C SER A 440 -0.17 -4.25 -0.98
N SER A 441 -1.30 -3.82 -1.52
CA SER A 441 -2.52 -3.79 -0.73
C SER A 441 -2.71 -5.18 -0.15
N ASN A 442 -2.85 -5.27 1.17
CA ASN A 442 -2.87 -6.59 1.80
C ASN A 442 -3.74 -6.56 3.06
N GLU A 443 -3.65 -7.62 3.85
CA GLU A 443 -4.55 -7.84 4.97
C GLU A 443 -3.82 -7.72 6.30
N SER A 444 -2.78 -6.90 6.33
CA SER A 444 -1.99 -6.68 7.52
C SER A 444 -2.20 -5.32 8.18
N VAL A 445 -2.94 -4.41 7.56
CA VAL A 445 -3.17 -3.13 8.20
C VAL A 445 -4.05 -3.35 9.42
N GLY A 446 -3.71 -2.70 10.52
CA GLY A 446 -4.46 -2.92 11.73
C GLY A 446 -4.22 -4.26 12.40
N HIS A 447 -3.30 -5.06 11.87
CA HIS A 447 -2.90 -6.32 12.48
C HIS A 447 -1.49 -6.23 13.02
N SER A 448 -1.14 -7.14 13.93
CA SER A 448 0.24 -7.24 14.37
C SER A 448 1.02 -8.05 13.34
N ILE A 449 2.17 -7.54 12.92
CA ILE A 449 3.00 -8.28 11.97
C ILE A 449 4.38 -8.38 12.58
N GLU A 450 5.07 -9.48 12.29
CA GLU A 450 6.39 -9.72 12.87
C GLU A 450 7.50 -9.15 11.98
N GLY A 451 8.35 -8.35 12.60
CA GLY A 451 9.58 -7.90 12.01
C GLY A 451 10.74 -8.77 12.43
N GLN A 452 11.95 -8.23 12.28
CA GLN A 452 13.13 -9.01 12.63
C GLN A 452 13.41 -8.96 14.12
N TYR A 453 13.09 -7.85 14.78
CA TYR A 453 13.36 -7.67 16.20
C TYR A 453 12.11 -7.36 17.00
N GLY A 454 10.95 -7.28 16.37
CA GLY A 454 9.76 -6.84 17.07
C GLY A 454 8.53 -6.91 16.20
N ASN A 455 7.42 -6.50 16.77
CA ASN A 455 6.13 -6.50 16.08
C ASN A 455 5.66 -5.08 15.82
N LEU A 456 4.92 -4.91 14.72
CA LEU A 456 4.36 -3.64 14.29
C LEU A 456 2.86 -3.76 14.12
N VAL A 457 2.11 -2.81 14.66
CA VAL A 457 0.72 -2.58 14.27
C VAL A 457 0.65 -1.20 13.65
N LEU A 458 0.48 -1.15 12.33
CA LEU A 458 0.26 0.08 11.57
C LEU A 458 -1.18 0.10 11.10
N ASN A 459 -1.90 1.17 11.40
CA ASN A 459 -3.33 1.27 11.11
C ASN A 459 -3.60 2.09 9.84
N SER A 460 -4.86 2.02 9.39
CA SER A 460 -5.19 2.65 8.13
C SER A 460 -5.02 4.16 8.20
N ASP A 461 -5.10 4.75 9.40
CA ASP A 461 -4.91 6.19 9.58
C ASP A 461 -3.45 6.57 9.77
N GLY A 462 -2.53 5.63 9.55
CA GLY A 462 -1.11 5.90 9.63
C GLY A 462 -0.50 5.71 11.00
N SER A 463 -1.30 5.57 12.06
CA SER A 463 -0.74 5.43 13.39
C SER A 463 -0.11 4.04 13.54
N TYR A 464 1.01 3.96 14.26
CA TYR A 464 1.67 2.68 14.49
C TYR A 464 2.27 2.60 15.89
N VAL A 465 2.37 1.35 16.35
CA VAL A 465 3.12 0.97 17.53
C VAL A 465 4.05 -0.18 17.15
N TYR A 466 5.34 -0.02 17.46
CA TYR A 466 6.34 -1.05 17.26
C TYR A 466 6.90 -1.43 18.61
N ASP A 467 6.85 -2.72 18.95
CA ASP A 467 7.40 -3.19 20.21
C ASP A 467 8.50 -4.21 19.95
N VAL A 468 9.62 -4.05 20.66
CA VAL A 468 10.77 -4.93 20.49
C VAL A 468 10.55 -6.22 21.29
N THR A 469 10.54 -7.35 20.60
CA THR A 469 10.41 -8.65 21.24
C THR A 469 11.74 -9.39 21.38
N ALA A 470 12.74 -9.06 20.57
CA ALA A 470 14.00 -9.79 20.63
C ALA A 470 14.70 -9.52 21.95
N SER A 471 15.51 -10.48 22.40
CA SER A 471 16.39 -10.27 23.53
C SER A 471 17.51 -9.31 23.16
N VAL A 472 18.00 -8.58 24.17
CA VAL A 472 19.09 -7.65 23.95
C VAL A 472 20.27 -8.33 23.28
N SER A 473 20.52 -9.59 23.64
CA SER A 473 21.65 -10.31 23.07
C SER A 473 21.48 -10.64 21.60
N ASP A 474 20.27 -10.45 21.04
CA ASP A 474 20.02 -10.75 19.64
C ASP A 474 19.94 -9.49 18.77
N ILE A 475 20.29 -8.33 19.32
CA ILE A 475 20.21 -7.06 18.57
C ILE A 475 21.62 -6.59 18.28
N PRO A 476 22.13 -6.78 17.07
CA PRO A 476 23.49 -6.33 16.77
C PRO A 476 23.57 -4.81 16.71
N ALA A 477 24.79 -4.30 16.81
CA ALA A 477 25.02 -2.87 16.62
C ALA A 477 24.53 -2.47 15.23
N GLY A 478 23.87 -1.32 15.16
CA GLY A 478 23.31 -0.85 13.91
C GLY A 478 22.05 -1.55 13.46
N ALA A 479 21.44 -2.36 14.32
CA ALA A 479 20.23 -3.07 13.95
C ALA A 479 19.15 -2.10 13.49
N THR A 480 18.43 -2.48 12.45
CA THR A 480 17.32 -1.68 11.94
C THR A 480 16.19 -2.59 11.48
N GLU A 481 14.98 -2.10 11.64
CA GLU A 481 13.75 -2.70 11.15
C GLU A 481 13.31 -1.90 9.93
N SER A 482 12.80 -2.58 8.91
CA SER A 482 12.27 -1.92 7.74
C SER A 482 10.89 -2.47 7.44
N PHE A 483 9.89 -1.59 7.39
CA PHE A 483 8.52 -1.94 7.06
C PHE A 483 8.08 -1.08 5.88
N ALA A 484 7.65 -1.70 4.80
CA ALA A 484 7.11 -0.96 3.66
C ALA A 484 5.61 -0.80 3.82
N TYR A 485 5.10 0.40 3.53
CA TYR A 485 3.66 0.64 3.61
C TYR A 485 3.19 1.25 2.30
N LEU A 486 1.91 0.99 1.99
CA LEU A 486 1.27 1.46 0.77
C LEU A 486 0.05 2.28 1.16
N ILE A 487 -0.01 3.53 0.66
CA ILE A 487 -1.18 4.41 0.79
C ILE A 487 -1.90 4.47 -0.56
N GLN A 488 -3.20 4.73 -0.49
CA GLN A 488 -4.08 4.72 -1.66
C GLN A 488 -5.11 5.81 -1.50
N ASP A 489 -5.38 6.53 -2.59
CA ASP A 489 -6.34 7.62 -2.59
C ASP A 489 -7.71 7.16 -3.09
N GLN A 490 -8.61 8.13 -3.23
CA GLN A 490 -10.01 7.84 -3.44
C GLN A 490 -10.25 6.94 -4.64
N ASP A 491 -9.40 7.00 -5.65
CA ASP A 491 -9.69 6.31 -6.90
C ASP A 491 -8.57 5.37 -7.28
N GLY A 492 -7.76 4.94 -6.33
CA GLY A 492 -6.90 3.79 -6.56
C GLY A 492 -5.43 4.09 -6.71
N SER A 493 -5.04 5.35 -6.77
CA SER A 493 -3.63 5.67 -6.93
C SER A 493 -2.89 5.23 -5.67
N THR A 494 -1.75 4.58 -5.83
CA THR A 494 -1.03 4.04 -4.69
C THR A 494 0.41 4.54 -4.68
N SER A 495 0.95 4.71 -3.48
CA SER A 495 2.34 5.11 -3.31
C SER A 495 2.88 4.35 -2.10
N SER A 496 4.14 3.95 -2.15
CA SER A 496 4.73 3.18 -1.07
C SER A 496 5.93 3.92 -0.49
N ALA A 497 6.21 3.65 0.77
CA ALA A 497 7.40 4.20 1.43
C ALA A 497 7.81 3.24 2.53
N ASN A 498 8.89 3.58 3.22
CA ASN A 498 9.50 2.71 4.21
C ASN A 498 9.54 3.40 5.57
N LEU A 499 9.06 2.70 6.58
CA LEU A 499 9.26 3.07 7.97
C LEU A 499 10.47 2.28 8.46
N SER A 500 11.55 2.98 8.73
CA SER A 500 12.79 2.39 9.21
C SER A 500 12.89 2.71 10.69
N ILE A 501 13.18 1.70 11.50
CA ILE A 501 13.25 1.87 12.94
C ILE A 501 14.65 1.43 13.37
N ASN A 502 15.44 2.38 13.87
CA ASN A 502 16.75 2.03 14.43
C ASN A 502 16.55 1.39 15.78
N VAL A 503 17.00 0.15 15.95
CA VAL A 503 16.83 -0.62 17.18
C VAL A 503 18.20 -0.69 17.84
N GLY A 504 18.40 0.07 18.91
CA GLY A 504 19.66 0.11 19.61
C GLY A 504 19.55 -0.54 20.98
N THR A 505 20.71 -0.80 21.58
CA THR A 505 20.79 -1.34 22.93
C THR A 505 21.63 -0.41 23.78
N ASN A 506 21.33 -0.38 25.08
CA ASN A 506 22.01 0.54 25.98
C ASN A 506 22.29 -0.09 27.34
N GLY B 2 -7.84 -47.18 28.76
CA GLY B 2 -6.77 -48.10 29.09
C GLY B 2 -6.55 -48.21 30.59
N TYR B 3 -5.51 -48.94 30.99
CA TYR B 3 -5.23 -49.17 32.40
C TYR B 3 -3.96 -48.47 32.89
N THR B 4 -3.17 -47.84 32.00
CA THR B 4 -2.00 -47.08 32.42
C THR B 4 -2.02 -45.73 31.74
N ASP B 5 -1.39 -44.75 32.39
CA ASP B 5 -1.32 -43.39 31.87
C ASP B 5 0.14 -42.98 31.69
CA CA C . -10.13 5.98 0.60
CA CA D . 0.33 -41.19 28.76
CA CA E . -5.88 9.40 -7.91
CA CA F . -8.55 11.61 -9.59
CA CA G . -14.42 9.08 -13.87
CA CA H . 20.63 -23.42 43.93
CA CA I . 5.75 8.86 5.67
CA CA J . -10.44 23.33 -47.64
CA CA K . 20.96 -30.55 46.51
CA CA L . -17.06 19.54 -55.19
CA CA M . -8.99 33.96 -39.87
CA CA N . 17.49 -28.83 45.43
CA CA O . -26.55 27.97 -54.37
CA CA P . 8.22 7.19 18.09
CA CA Q . 2.81 -41.79 31.64
CA CA R . -18.99 29.77 -80.52
CA CA S . 11.16 6.77 19.23
CA CA T . -6.64 31.43 -51.25
NA NA U . -12.66 20.23 -65.11
NA NA V . 0.96 28.30 -34.09
NA NA W . -2.79 32.23 -35.48
OH2 1PE X . 3.49 -8.86 25.03
C12 1PE X . 2.93 -8.44 26.25
C22 1PE X . 3.99 -7.73 27.09
OH3 1PE X . 4.56 -8.63 28.00
C13 1PE X . 6.26 -9.23 29.58
C23 1PE X . 5.69 -8.14 28.66
OH4 1PE X . 6.62 -10.34 28.80
C14 1PE X . 8.37 -11.66 27.84
C24 1PE X . 7.90 -10.26 28.23
OH5 1PE X . 7.93 -11.95 26.54
C15 1PE X . 8.39 -11.45 24.28
C25 1PE X . 8.93 -12.03 25.58
OH6 1PE X . 8.05 -12.45 23.37
C16 1PE X . 5.98 -12.51 22.18
C26 1PE X . 6.71 -12.87 23.46
OH7 1PE X . 5.65 -11.14 22.17
HO2 1PE X . 2.87 -9.04 24.48
H121 1PE X . 2.60 -9.21 26.72
H122 1PE X . 2.20 -7.83 26.07
H221 1PE X . 4.68 -7.38 26.50
H222 1PE X . 3.58 -7.00 27.58
H131 1PE X . 5.59 -9.48 30.23
H132 1PE X . 7.04 -8.88 30.04
H231 1PE X . 5.45 -7.37 29.18
H232 1PE X . 6.37 -7.89 27.99
H141 1PE X . 9.34 -11.69 27.87
H142 1PE X . 8.00 -12.31 28.46
H241 1PE X . 7.86 -9.71 27.44
H242 1PE X . 8.52 -9.88 28.86
H151 1PE X . 7.61 -10.91 24.47
H152 1PE X . 9.07 -10.88 23.88
H251 1PE X . 9.71 -11.54 25.87
H252 1PE X . 9.18 -12.96 25.44
H161 1PE X . 6.54 -12.70 21.41
H162 1PE X . 5.16 -13.03 22.12
H261 1PE X . 6.29 -12.42 24.21
H262 1PE X . 6.69 -13.83 23.59
HO7 1PE X . 5.18 -10.95 21.49
OH2 1PE Y . 5.89 -50.87 42.27
C12 1PE Y . 7.17 -50.40 42.61
C22 1PE Y . 7.10 -49.53 43.85
OH3 1PE Y . 5.82 -48.96 43.95
C13 1PE Y . 3.77 -48.72 45.16
C23 1PE Y . 4.91 -49.66 44.76
OH4 1PE Y . 4.06 -47.41 44.72
C14 1PE Y . 5.70 -45.63 44.73
C24 1PE Y . 5.04 -46.77 45.50
OH5 1PE Y . 7.07 -45.66 44.98
C15 1PE Y . 9.16 -46.10 43.91
C25 1PE Y . 7.83 -45.36 43.86
OH6 1PE Y . 9.22 -47.01 42.84
C16 1PE Y . 10.16 -49.01 41.97
C26 1PE Y . 10.43 -47.71 42.72
OH7 1PE Y . 10.02 -50.07 42.89
HO2 1PE Y . 5.87 -51.09 41.45
H121 1PE Y . 7.53 -49.89 41.87
H122 1PE Y . 7.75 -51.16 42.78
H221 1PE Y . 7.76 -48.83 43.80
H222 1PE Y . 7.27 -50.07 44.64
H131 1PE Y . 2.94 -49.01 44.74
H132 1PE Y . 3.66 -48.72 46.12
H231 1PE Y . 5.36 -49.97 45.57
H232 1PE Y . 4.56 -50.41 44.27
H141 1PE Y . 5.54 -45.75 43.78
H142 1PE Y . 5.33 -44.79 45.02
H241 1PE Y . 4.63 -46.41 46.30
H242 1PE Y . 5.72 -47.42 45.75
H151 1PE Y . 9.89 -45.46 43.83
H152 1PE Y . 9.24 -46.57 44.76
H251 1PE Y . 7.99 -44.41 43.82
H252 1PE Y . 7.35 -45.63 43.06
H161 1PE Y . 10.91 -49.20 41.38
H162 1PE Y . 9.35 -48.93 41.45
H261 1PE Y . 10.78 -47.91 43.60
H262 1PE Y . 11.06 -47.18 42.23
HO7 1PE Y . 9.88 -50.80 42.47
OH2 1PE Z . -0.91 12.76 12.83
C12 1PE Z . -2.10 12.43 12.16
C22 1PE Z . -1.80 12.31 10.66
OH3 1PE Z . -2.66 13.12 9.93
C13 1PE Z . -3.02 14.55 8.05
C23 1PE Z . -2.01 14.02 9.07
OH4 1PE Z . -3.76 13.49 7.51
C14 1PE Z . -4.04 11.77 5.89
C24 1PE Z . -3.05 12.73 6.56
OH5 1PE Z . -4.61 10.93 6.85
C15 1PE Z . -5.99 8.99 7.13
C25 1PE Z . -5.81 10.35 6.44
OH6 1PE Z . -7.26 8.93 7.71
C16 1PE Z . -8.69 9.39 9.56
C26 1PE Z . -7.33 9.64 8.92
OH7 1PE Z . -8.65 9.81 10.90
HO2 1PE Z . -1.10 12.95 13.64
H121 1PE Z . -2.75 13.14 12.29
H122 1PE Z . -2.46 11.60 12.49
H221 1PE Z . -1.91 11.38 10.39
H222 1PE Z . -0.88 12.58 10.50
H131 1PE Z . -3.61 15.17 8.50
H132 1PE Z . -2.54 15.01 7.34
H231 1PE Z . -1.30 13.55 8.61
H232 1PE Z . -1.64 14.74 9.58
H141 1PE Z . -3.56 11.23 5.24
H142 1PE Z . -4.73 12.28 5.44
H241 1PE Z . -2.67 13.32 5.90
H242 1PE Z . -2.36 12.23 7.00
H151 1PE Z . -5.31 8.89 7.82
H152 1PE Z . -5.90 8.29 6.48
H251 1PE Z . -6.55 10.92 6.68
H252 1PE Z . -5.80 10.22 5.48
H161 1PE Z . -9.38 9.89 9.08
H162 1PE Z . -8.90 8.44 9.52
H261 1PE Z . -7.24 10.59 8.75
H262 1PE Z . -6.64 9.34 9.52
HO7 1PE Z . -9.41 9.70 11.26
OH2 1PE AA . -14.09 36.57 -79.36
C12 1PE AA . -12.87 36.63 -78.68
C22 1PE AA . -13.08 37.31 -77.32
OH3 1PE AA . -14.44 37.57 -77.13
C13 1PE AA . -14.48 38.04 -74.78
C23 1PE AA . -14.72 38.57 -76.20
OH4 1PE AA . -15.45 38.54 -73.90
C14 1PE AA . -14.43 39.83 -72.19
C24 1PE AA . -15.24 39.86 -73.48
OH5 1PE AA . -13.07 39.75 -72.53
C15 1PE AA . -10.79 39.29 -72.00
C25 1PE AA . -12.19 39.56 -71.46
OH6 1PE AA . -10.61 40.01 -73.19
C16 1PE AA . -9.88 40.01 -75.49
C26 1PE AA . -9.68 39.44 -74.08
OH7 1PE AA . -9.28 39.17 -76.42
HO2 1PE AA . -14.12 37.18 -79.96
H121 1PE AA . -12.53 35.73 -78.54
H122 1PE AA . -12.23 37.13 -79.20
H221 1PE AA . -12.75 36.72 -76.62
H222 1PE AA . -12.58 38.14 -77.30
H131 1PE AA . -14.51 37.08 -74.78
H132 1PE AA . -13.60 38.33 -74.48
H231 1PE AA . -15.63 38.85 -76.28
H232 1PE AA . -14.13 39.33 -76.36
H141 1PE AA . -14.68 39.06 -71.66
H142 1PE AA . -14.58 40.64 -71.68
H241 1PE AA . -14.76 40.35 -74.16
H242 1PE AA . -16.10 40.29 -73.31
H151 1PE AA . -10.69 38.35 -72.18
H152 1PE AA . -10.13 39.57 -71.35
H251 1PE AA . -12.49 38.81 -70.92
H252 1PE AA . -12.18 40.36 -70.90
H161 1PE AA . -9.48 40.89 -75.54
H162 1PE AA . -10.84 40.08 -75.67
H261 1PE AA . -9.82 38.48 -74.11
H262 1PE AA . -8.79 39.64 -73.77
HO7 1PE AA . -8.44 39.27 -76.41
#